data_3PEN
#
_entry.id   3PEN
#
_cell.length_a   187.120
_cell.length_b   187.120
_cell.length_c   187.120
_cell.angle_alpha   90.00
_cell.angle_beta   90.00
_cell.angle_gamma   90.00
#
_symmetry.space_group_name_H-M   'I 2 3'
#
loop_
_entity.id
_entity.type
_entity.pdbx_description
1 polymer 'Translation initiation factor 2 subunit gamma'
2 non-polymer "GUANOSINE-5'-DIPHOSPHATE"
3 non-polymer "GUANOSINE-5'-MONOPHOSPHATE"
4 non-polymer 'MAGNESIUM ION'
5 water water
#
_entity_poly.entity_id   1
_entity_poly.type   'polypeptide(L)'
_entity_poly.pdbx_seq_one_letter_code
;AWPKVQPEVNIGVVGHVDHGKTTLVQAITGIWTSKKLGYAETNIGVCESCKKPEAYVTEPSCKSCGSDDEPKFLRRISFI
DAPGHEVLMATMLSGAALMDGAILVVAANEPFPQPQTREHFVALGIIGVKNLIIVQNKVDVVSKEEALSQYRQIKQFTKG
TWAENVPIIPVSALHKINIDSLIEGIEEYIKTPYRDLSQKPVMLVIRSFDVNKPGTQFNELKGGVIGGSIIQGLFKVDQE
IKVLPGLRVEKQGKVSYEPIFTKISSIRFGDEEFKEAKPGGLVAIGTYLDPSLTKADNLLGSIITLADAEVPVLWNIRIK
YNLLERVVGAKEMLKVDPIRAKETLMLSVGSSTTLGIVTSVKKDEIEVELRRPVAVWSNNIRTVISRQIAGRWRMIGWGL
VEI
;
_entity_poly.pdbx_strand_id   A
#
# COMPACT_ATOMS: atom_id res chain seq x y z
N ALA A 1 24.40 -4.91 -19.58
CA ALA A 1 23.25 -5.53 -18.92
C ALA A 1 22.45 -4.48 -18.15
N TRP A 2 21.38 -4.94 -17.50
CA TRP A 2 20.54 -4.05 -16.70
C TRP A 2 21.03 -4.02 -15.26
N PRO A 3 21.02 -2.83 -14.64
CA PRO A 3 21.42 -2.66 -13.24
C PRO A 3 20.55 -3.54 -12.35
N LYS A 4 21.09 -3.97 -11.20
CA LYS A 4 20.27 -4.59 -10.17
C LYS A 4 20.09 -3.57 -9.07
N VAL A 5 18.95 -2.90 -9.11
CA VAL A 5 18.69 -1.78 -8.21
C VAL A 5 17.38 -2.06 -7.47
N GLN A 6 17.12 -1.34 -6.38
CA GLN A 6 15.85 -1.53 -5.65
C GLN A 6 14.73 -0.92 -6.49
N PRO A 7 13.49 -1.38 -6.28
CA PRO A 7 12.35 -0.71 -6.93
C PRO A 7 12.31 0.75 -6.48
N GLU A 8 11.96 1.67 -7.37
CA GLU A 8 11.99 3.08 -7.03
C GLU A 8 10.60 3.67 -6.88
N VAL A 9 9.58 2.83 -7.04
CA VAL A 9 8.21 3.32 -6.95
C VAL A 9 7.23 2.18 -6.60
N ASN A 10 6.21 2.50 -5.83
CA ASN A 10 5.21 1.51 -5.42
C ASN A 10 3.89 1.79 -6.09
N ILE A 11 3.38 0.81 -6.82
CA ILE A 11 2.08 0.98 -7.47
C ILE A 11 1.04 0.07 -6.81
N GLY A 12 0.04 0.67 -6.18
CA GLY A 12 -1.03 -0.10 -5.58
C GLY A 12 -1.89 -0.71 -6.68
N VAL A 13 -2.47 -1.88 -6.39
CA VAL A 13 -3.44 -2.47 -7.29
C VAL A 13 -4.67 -2.76 -6.44
N VAL A 14 -5.75 -2.04 -6.71
CA VAL A 14 -6.95 -2.10 -5.89
C VAL A 14 -8.18 -2.36 -6.75
N GLY A 15 -9.31 -2.60 -6.10
CA GLY A 15 -10.55 -2.91 -6.77
C GLY A 15 -11.30 -4.06 -6.13
N HIS A 16 -12.52 -4.30 -6.64
CA HIS A 16 -13.45 -5.23 -6.03
C HIS A 16 -12.93 -6.67 -6.04
N VAL A 17 -13.42 -7.51 -5.14
CA VAL A 17 -12.92 -8.88 -5.08
C VAL A 17 -13.20 -9.65 -6.38
N ASP A 18 -12.23 -10.46 -6.81
CA ASP A 18 -12.32 -11.29 -8.03
C ASP A 18 -12.25 -10.53 -9.35
N HIS A 19 -12.00 -9.22 -9.30
CA HIS A 19 -11.91 -8.47 -10.55
C HIS A 19 -10.60 -8.68 -11.33
N GLY A 20 -9.60 -9.27 -10.68
CA GLY A 20 -8.38 -9.70 -11.36
C GLY A 20 -7.10 -8.98 -10.95
N LYS A 21 -7.05 -8.47 -9.72
CA LYS A 21 -5.89 -7.75 -9.20
C LYS A 21 -4.61 -8.62 -9.23
N THR A 22 -4.68 -9.78 -8.57
CA THR A 22 -3.55 -10.69 -8.52
C THR A 22 -3.13 -11.19 -9.90
N THR A 23 -4.10 -11.47 -10.76
CA THR A 23 -3.79 -11.92 -12.12
C THR A 23 -3.11 -10.82 -12.93
N LEU A 24 -3.55 -9.59 -12.71
CA LEU A 24 -2.95 -8.47 -13.39
C LEU A 24 -1.50 -8.28 -12.96
N VAL A 25 -1.22 -8.44 -11.67
CA VAL A 25 0.15 -8.31 -11.20
C VAL A 25 1.03 -9.41 -11.82
N GLN A 26 0.49 -10.63 -11.88
CA GLN A 26 1.18 -11.74 -12.54
C GLN A 26 1.43 -11.45 -14.01
N ALA A 27 0.42 -10.92 -14.71
CA ALA A 27 0.58 -10.57 -16.11
C ALA A 27 1.75 -9.62 -16.32
N ILE A 28 1.92 -8.68 -15.40
CA ILE A 28 2.98 -7.69 -15.52
C ILE A 28 4.36 -8.24 -15.09
N THR A 29 4.40 -8.96 -13.98
CA THR A 29 5.68 -9.25 -13.33
C THR A 29 6.11 -10.69 -13.48
N GLY A 30 5.17 -11.54 -13.90
CA GLY A 30 5.41 -12.98 -13.96
C GLY A 30 5.23 -13.63 -12.61
N ILE A 31 4.94 -12.84 -11.59
CA ILE A 31 4.84 -13.37 -10.22
C ILE A 31 3.41 -13.47 -9.70
N TRP A 32 3.08 -14.63 -9.12
CA TRP A 32 1.79 -14.81 -8.46
C TRP A 32 1.94 -14.59 -6.96
N THR A 33 1.21 -13.66 -6.36
CA THR A 33 1.40 -13.29 -4.96
C THR A 33 0.13 -13.81 -4.31
N SER A 34 0.26 -14.81 -3.44
CA SER A 34 -0.88 -15.41 -2.75
C SER A 34 -1.08 -14.66 -1.44
N LYS A 35 -0.02 -13.96 -1.05
CA LYS A 35 0.05 -13.15 0.15
C LYS A 35 -0.64 -11.81 0.02
N LYS A 36 -1.38 -11.43 1.06
CA LYS A 36 -2.10 -10.18 1.10
C LYS A 36 -1.74 -9.49 2.42
N LEU A 37 -1.18 -8.29 2.33
CA LEU A 37 -0.93 -7.63 1.04
C LEU A 37 0.05 -8.37 0.16
N GLY A 38 -0.24 -8.45 -1.13
CA GLY A 38 0.65 -9.09 -2.08
C GLY A 38 1.72 -8.13 -2.58
N TYR A 39 2.86 -8.68 -3.01
CA TYR A 39 3.98 -7.88 -3.43
C TYR A 39 4.73 -8.50 -4.61
N ALA A 40 5.13 -7.70 -5.60
CA ALA A 40 5.94 -8.20 -6.71
C ALA A 40 6.65 -7.06 -7.44
N GLU A 41 7.80 -7.38 -8.04
CA GLU A 41 8.64 -6.38 -8.67
C GLU A 41 8.91 -6.74 -10.13
N THR A 42 9.19 -5.72 -10.94
CA THR A 42 9.72 -5.97 -12.27
C THR A 42 10.57 -4.78 -12.73
N ASN A 43 11.59 -5.05 -13.54
CA ASN A 43 12.26 -4.00 -14.28
C ASN A 43 11.37 -3.53 -15.41
N ILE A 44 11.53 -2.27 -15.81
CA ILE A 44 10.81 -1.74 -16.95
C ILE A 44 11.81 -1.08 -17.89
N GLY A 45 11.73 -1.45 -19.17
CA GLY A 45 12.58 -0.86 -20.18
C GLY A 45 11.83 -0.51 -21.45
N VAL A 46 12.53 0.07 -22.41
CA VAL A 46 11.93 0.43 -23.68
C VAL A 46 12.91 0.16 -24.82
N CYS A 47 12.42 -0.47 -25.88
CA CYS A 47 13.22 -0.66 -27.09
C CYS A 47 13.12 0.61 -27.93
N GLU A 48 14.23 1.33 -28.04
CA GLU A 48 14.18 2.67 -28.61
C GLU A 48 13.99 2.66 -30.13
N SER A 49 14.37 1.54 -30.76
CA SER A 49 14.18 1.37 -32.21
C SER A 49 12.73 1.06 -32.60
N CYS A 50 11.98 0.45 -31.69
CA CYS A 50 10.66 -0.09 -32.02
C CYS A 50 9.53 0.86 -31.72
N LYS A 51 8.35 0.56 -32.24
CA LYS A 51 7.25 1.47 -32.01
C LYS A 51 6.45 1.09 -30.78
N LYS A 52 5.91 2.11 -30.12
CA LYS A 52 5.14 1.94 -28.91
C LYS A 52 3.68 1.63 -29.24
N PRO A 53 2.97 0.96 -28.32
CA PRO A 53 3.44 0.63 -26.96
C PRO A 53 4.22 -0.66 -26.83
N GLU A 54 4.25 -1.50 -27.86
CA GLU A 54 4.92 -2.79 -27.72
C GLU A 54 6.44 -2.65 -27.52
N ALA A 55 6.98 -1.46 -27.77
CA ALA A 55 8.38 -1.16 -27.46
C ALA A 55 8.71 -1.35 -25.97
N TYR A 56 7.74 -1.07 -25.10
CA TYR A 56 7.97 -1.25 -23.66
C TYR A 56 8.07 -2.73 -23.30
N VAL A 57 9.07 -3.06 -22.49
CA VAL A 57 9.33 -4.44 -22.11
C VAL A 57 9.55 -4.55 -20.61
N THR A 58 9.44 -5.76 -20.08
CA THR A 58 9.64 -6.01 -18.65
C THR A 58 10.81 -6.97 -18.46
N GLU A 59 11.63 -7.08 -19.50
CA GLU A 59 12.82 -7.91 -19.47
C GLU A 59 13.78 -7.37 -20.53
N PRO A 60 15.08 -7.67 -20.40
CA PRO A 60 16.12 -7.08 -21.25
C PRO A 60 16.23 -7.77 -22.62
N SER A 61 15.24 -7.52 -23.49
CA SER A 61 15.20 -8.18 -24.79
C SER A 61 14.31 -7.40 -25.72
N CYS A 62 14.78 -7.17 -26.94
CA CYS A 62 13.96 -6.53 -27.94
C CYS A 62 13.68 -7.47 -29.11
N LYS A 63 13.94 -8.76 -28.91
CA LYS A 63 13.68 -9.76 -29.94
C LYS A 63 12.28 -9.60 -30.52
N SER A 64 11.30 -9.38 -29.65
CA SER A 64 9.90 -9.34 -30.07
C SER A 64 9.59 -8.21 -31.04
N CYS A 65 10.52 -7.26 -31.21
CA CYS A 65 10.31 -6.23 -32.23
C CYS A 65 11.45 -6.14 -33.26
N GLY A 66 12.28 -7.17 -33.33
CA GLY A 66 13.33 -7.22 -34.35
C GLY A 66 14.77 -7.03 -33.90
N SER A 67 15.02 -6.05 -33.01
CA SER A 67 16.38 -5.76 -32.54
C SER A 67 17.00 -6.91 -31.77
N ASP A 68 18.32 -7.01 -31.84
CA ASP A 68 19.08 -7.84 -30.91
C ASP A 68 19.74 -6.88 -29.94
N ASP A 69 19.45 -5.59 -30.13
CA ASP A 69 19.89 -4.56 -29.20
C ASP A 69 19.22 -4.77 -27.85
N GLU A 70 19.94 -4.41 -26.78
CA GLU A 70 19.38 -4.44 -25.45
C GLU A 70 18.48 -3.21 -25.30
N PRO A 71 17.30 -3.39 -24.69
CA PRO A 71 16.41 -2.24 -24.47
C PRO A 71 17.03 -1.28 -23.47
N LYS A 72 16.65 -0.01 -23.54
CA LYS A 72 17.07 0.96 -22.57
C LYS A 72 16.35 0.70 -21.24
N PHE A 73 17.11 0.53 -20.16
CA PHE A 73 16.52 0.38 -18.82
C PHE A 73 15.89 1.70 -18.37
N LEU A 74 14.68 1.62 -17.83
CA LEU A 74 13.98 2.83 -17.38
C LEU A 74 13.91 2.92 -15.85
N ARG A 75 13.40 1.88 -15.20
CA ARG A 75 13.32 1.86 -13.75
C ARG A 75 12.84 0.50 -13.29
N ARG A 76 13.07 0.20 -12.03
CA ARG A 76 12.45 -0.96 -11.41
C ARG A 76 11.21 -0.48 -10.67
N ILE A 77 10.12 -1.23 -10.80
CA ILE A 77 8.88 -0.84 -10.14
C ILE A 77 8.35 -1.97 -9.28
N SER A 78 7.42 -1.62 -8.42
CA SER A 78 6.92 -2.51 -7.39
C SER A 78 5.40 -2.44 -7.36
N PHE A 79 4.74 -3.56 -7.15
CA PHE A 79 3.29 -3.57 -7.02
C PHE A 79 2.88 -4.01 -5.62
N ILE A 80 1.95 -3.27 -5.05
CA ILE A 80 1.32 -3.66 -3.81
C ILE A 80 -0.13 -4.00 -4.11
N ASP A 81 -0.48 -5.29 -4.12
CA ASP A 81 -1.88 -5.58 -4.39
C ASP A 81 -2.71 -5.86 -3.15
N ALA A 82 -3.61 -4.92 -2.94
CA ALA A 82 -4.48 -4.89 -1.79
C ALA A 82 -5.56 -5.94 -1.96
N PRO A 83 -6.08 -6.47 -0.85
CA PRO A 83 -7.19 -7.41 -0.92
C PRO A 83 -8.48 -6.65 -1.26
N GLY A 84 -9.36 -7.27 -2.05
CA GLY A 84 -10.60 -6.62 -2.46
C GLY A 84 -11.80 -6.93 -1.61
N HIS A 85 -11.75 -7.99 -0.83
CA HIS A 85 -12.91 -8.36 0.00
C HIS A 85 -13.27 -7.23 0.96
N GLU A 86 -14.57 -7.01 1.13
CA GLU A 86 -15.05 -5.91 1.97
C GLU A 86 -14.60 -6.04 3.43
N VAL A 87 -14.39 -7.27 3.88
CA VAL A 87 -13.99 -7.48 5.26
C VAL A 87 -12.50 -7.14 5.45
N LEU A 88 -11.77 -7.05 4.34
CA LEU A 88 -10.33 -6.79 4.36
C LEU A 88 -9.97 -5.33 4.07
N MET A 89 -10.95 -4.44 4.16
CA MET A 89 -10.74 -3.03 3.86
C MET A 89 -9.59 -2.38 4.69
N ALA A 90 -9.44 -2.78 5.94
CA ALA A 90 -8.39 -2.23 6.79
C ALA A 90 -7.01 -2.54 6.20
N THR A 91 -6.87 -3.75 5.65
CA THR A 91 -5.62 -4.15 5.02
C THR A 91 -5.34 -3.33 3.76
N MET A 92 -6.39 -3.09 2.98
CA MET A 92 -6.27 -2.16 1.85
C MET A 92 -5.77 -0.78 2.32
N LEU A 93 -6.35 -0.26 3.41
CA LEU A 93 -5.91 1.02 3.96
C LEU A 93 -4.44 1.01 4.41
N SER A 94 -4.01 -0.03 5.12
CA SER A 94 -2.60 -0.13 5.49
C SER A 94 -1.71 -0.07 4.25
N GLY A 95 -2.03 -0.88 3.25
CA GLY A 95 -1.25 -0.95 2.03
C GLY A 95 -1.21 0.38 1.30
N ALA A 96 -2.32 1.11 1.32
CA ALA A 96 -2.40 2.40 0.63
C ALA A 96 -1.40 3.42 1.20
N ALA A 97 -1.08 3.29 2.49
CA ALA A 97 -0.05 4.15 3.07
C ALA A 97 1.29 3.96 2.35
N LEU A 98 1.47 2.82 1.70
CA LEU A 98 2.74 2.52 1.04
C LEU A 98 2.76 2.91 -0.45
N MET A 99 1.64 3.39 -0.98
CA MET A 99 1.52 3.54 -2.44
C MET A 99 1.97 4.90 -2.97
N ASP A 100 2.73 4.90 -4.06
CA ASP A 100 3.07 6.14 -4.77
C ASP A 100 2.04 6.46 -5.86
N GLY A 101 1.35 5.43 -6.32
CA GLY A 101 0.34 5.55 -7.36
C GLY A 101 -0.49 4.29 -7.30
N ALA A 102 -1.55 4.22 -8.10
CA ALA A 102 -2.38 3.03 -8.07
C ALA A 102 -3.00 2.72 -9.41
N ILE A 103 -3.34 1.44 -9.56
CA ILE A 103 -4.18 0.97 -10.63
C ILE A 103 -5.47 0.48 -9.99
N LEU A 104 -6.60 0.97 -10.50
CA LEU A 104 -7.91 0.50 -10.06
C LEU A 104 -8.38 -0.50 -11.10
N VAL A 105 -8.55 -1.75 -10.69
CA VAL A 105 -8.99 -2.79 -11.60
C VAL A 105 -10.53 -2.89 -11.58
N VAL A 106 -11.14 -2.76 -12.75
CA VAL A 106 -12.59 -2.89 -12.91
C VAL A 106 -12.93 -4.02 -13.89
N ALA A 107 -13.64 -5.04 -13.43
CA ALA A 107 -13.96 -6.16 -14.31
C ALA A 107 -15.01 -5.72 -15.32
N ALA A 108 -14.72 -5.98 -16.60
CA ALA A 108 -15.60 -5.57 -17.70
C ALA A 108 -16.91 -6.35 -17.74
N ASN A 109 -16.95 -7.50 -17.08
CA ASN A 109 -18.13 -8.35 -17.11
C ASN A 109 -18.92 -8.33 -15.80
N GLU A 110 -18.74 -7.28 -15.01
CA GLU A 110 -19.53 -7.08 -13.80
C GLU A 110 -20.05 -5.66 -13.80
N PRO A 111 -21.27 -5.46 -13.28
CA PRO A 111 -21.88 -4.12 -13.28
C PRO A 111 -21.04 -3.12 -12.49
N PHE A 112 -20.69 -2.01 -13.15
CA PHE A 112 -19.95 -0.93 -12.51
C PHE A 112 -20.77 0.31 -12.10
N PRO A 113 -20.48 0.90 -10.92
CA PRO A 113 -19.47 0.56 -9.93
C PRO A 113 -19.80 -0.28 -8.68
N GLN A 114 -19.17 -1.45 -8.57
CA GLN A 114 -19.28 -2.30 -7.40
C GLN A 114 -18.81 -1.61 -6.11
N PRO A 115 -19.33 -2.06 -4.96
CA PRO A 115 -19.01 -1.48 -3.64
C PRO A 115 -17.52 -1.23 -3.35
N GLN A 116 -16.63 -2.21 -3.56
CA GLN A 116 -15.23 -1.95 -3.26
C GLN A 116 -14.54 -1.25 -4.40
N THR A 117 -15.13 -1.28 -5.59
CA THR A 117 -14.68 -0.37 -6.62
C THR A 117 -14.82 1.04 -6.07
N ARG A 118 -15.98 1.35 -5.47
CA ARG A 118 -16.21 2.68 -4.93
C ARG A 118 -15.36 2.97 -3.70
N GLU A 119 -15.33 2.02 -2.77
CA GLU A 119 -14.63 2.24 -1.50
C GLU A 119 -13.15 2.43 -1.74
N HIS A 120 -12.53 1.55 -2.53
CA HIS A 120 -11.10 1.72 -2.87
C HIS A 120 -10.85 3.04 -3.57
N PHE A 121 -11.73 3.38 -4.50
CA PHE A 121 -11.58 4.63 -5.23
C PHE A 121 -11.58 5.82 -4.28
N VAL A 122 -12.59 5.93 -3.41
CA VAL A 122 -12.61 7.09 -2.55
C VAL A 122 -11.48 7.07 -1.50
N ALA A 123 -11.12 5.89 -1.01
CA ALA A 123 -9.98 5.74 -0.12
C ALA A 123 -8.71 6.32 -0.77
N LEU A 124 -8.47 5.98 -2.03
CA LEU A 124 -7.32 6.52 -2.73
C LEU A 124 -7.38 8.04 -2.74
N GLY A 125 -8.56 8.58 -3.00
CA GLY A 125 -8.74 10.01 -3.10
C GLY A 125 -8.43 10.68 -1.77
N ILE A 126 -9.06 10.19 -0.71
CA ILE A 126 -8.82 10.66 0.65
C ILE A 126 -7.33 10.66 1.03
N ILE A 127 -6.64 9.54 0.83
CA ILE A 127 -5.25 9.48 1.28
C ILE A 127 -4.27 10.09 0.28
N GLY A 128 -4.77 10.54 -0.87
CA GLY A 128 -3.94 11.32 -1.77
C GLY A 128 -3.15 10.57 -2.81
N VAL A 129 -3.42 9.28 -3.00
CA VAL A 129 -2.77 8.57 -4.08
C VAL A 129 -3.58 8.74 -5.36
N LYS A 130 -3.29 9.83 -6.07
CA LYS A 130 -4.11 10.29 -7.18
C LYS A 130 -3.46 10.11 -8.54
N ASN A 131 -2.25 9.57 -8.56
CA ASN A 131 -1.70 9.12 -9.82
C ASN A 131 -2.26 7.73 -10.12
N LEU A 132 -3.42 7.74 -10.77
CA LEU A 132 -4.27 6.58 -10.91
C LEU A 132 -4.43 6.20 -12.37
N ILE A 133 -4.38 4.91 -12.65
CA ILE A 133 -4.84 4.40 -13.93
C ILE A 133 -5.99 3.48 -13.63
N ILE A 134 -7.08 3.63 -14.37
CA ILE A 134 -8.17 2.68 -14.26
C ILE A 134 -7.98 1.62 -15.33
N VAL A 135 -7.96 0.36 -14.91
CA VAL A 135 -7.79 -0.74 -15.84
C VAL A 135 -9.09 -1.51 -15.95
N GLN A 136 -9.62 -1.58 -17.16
CA GLN A 136 -10.79 -2.40 -17.44
C GLN A 136 -10.30 -3.80 -17.74
N ASN A 137 -10.41 -4.71 -16.77
CA ASN A 137 -9.90 -6.06 -16.93
C ASN A 137 -10.94 -7.04 -17.49
N LYS A 138 -10.50 -8.22 -17.93
CA LYS A 138 -11.40 -9.25 -18.46
C LYS A 138 -12.16 -8.84 -19.73
N VAL A 139 -11.58 -7.97 -20.55
CA VAL A 139 -12.26 -7.62 -21.80
C VAL A 139 -12.38 -8.83 -22.73
N ASP A 140 -11.60 -9.87 -22.45
CA ASP A 140 -11.64 -11.06 -23.30
C ASP A 140 -13.00 -11.74 -23.27
N VAL A 141 -13.79 -11.47 -22.22
CA VAL A 141 -15.09 -12.14 -22.09
C VAL A 141 -16.29 -11.35 -22.60
N VAL A 142 -16.08 -10.09 -22.98
CA VAL A 142 -17.19 -9.31 -23.52
C VAL A 142 -16.85 -8.72 -24.88
N SER A 143 -17.87 -8.36 -25.64
CA SER A 143 -17.65 -7.72 -26.92
C SER A 143 -17.09 -6.31 -26.73
N LYS A 144 -16.47 -5.80 -27.78
CA LYS A 144 -15.96 -4.44 -27.76
C LYS A 144 -17.04 -3.46 -27.33
N GLU A 145 -18.24 -3.58 -27.90
CA GLU A 145 -19.32 -2.65 -27.60
C GLU A 145 -19.77 -2.74 -26.13
N GLU A 146 -19.75 -3.94 -25.55
CA GLU A 146 -20.10 -4.06 -24.14
C GLU A 146 -19.04 -3.40 -23.24
N ALA A 147 -17.77 -3.58 -23.60
CA ALA A 147 -16.69 -2.90 -22.88
C ALA A 147 -16.83 -1.39 -22.97
N LEU A 148 -17.19 -0.88 -24.15
CA LEU A 148 -17.31 0.56 -24.36
C LEU A 148 -18.47 1.12 -23.56
N SER A 149 -19.55 0.35 -23.46
CA SER A 149 -20.68 0.77 -22.65
C SER A 149 -20.28 1.02 -21.19
N GLN A 150 -19.45 0.14 -20.64
CA GLN A 150 -18.96 0.32 -19.27
C GLN A 150 -17.93 1.45 -19.22
N TYR A 151 -17.11 1.56 -20.27
CA TYR A 151 -16.17 2.67 -20.37
C TYR A 151 -16.89 3.99 -20.15
N ARG A 152 -18.04 4.20 -20.79
CA ARG A 152 -18.70 5.48 -20.59
C ARG A 152 -19.32 5.63 -19.20
N GLN A 153 -19.64 4.52 -18.53
CA GLN A 153 -20.08 4.60 -17.14
C GLN A 153 -18.95 5.07 -16.23
N ILE A 154 -17.75 4.54 -16.45
CA ILE A 154 -16.59 4.89 -15.67
C ILE A 154 -16.29 6.37 -15.86
N LYS A 155 -16.38 6.81 -17.10
CA LYS A 155 -16.18 8.21 -17.45
C LYS A 155 -17.24 9.07 -16.73
N GLN A 156 -18.49 8.62 -16.72
CA GLN A 156 -19.55 9.33 -16.01
C GLN A 156 -19.26 9.41 -14.50
N PHE A 157 -18.79 8.31 -13.94
CA PHE A 157 -18.46 8.22 -12.52
C PHE A 157 -17.32 9.17 -12.12
N THR A 158 -16.26 9.21 -12.92
CA THR A 158 -15.12 10.05 -12.56
C THR A 158 -15.34 11.52 -12.89
N LYS A 159 -16.32 11.83 -13.76
CA LYS A 159 -16.59 13.21 -14.11
C LYS A 159 -16.98 14.05 -12.90
N GLY A 160 -16.37 15.23 -12.76
CA GLY A 160 -16.69 16.12 -11.66
C GLY A 160 -15.92 15.78 -10.40
N THR A 161 -14.86 15.00 -10.60
CA THR A 161 -14.16 14.32 -9.53
C THR A 161 -12.68 14.55 -9.78
N TRP A 162 -11.86 14.40 -8.75
CA TRP A 162 -10.40 14.49 -8.95
C TRP A 162 -9.87 13.57 -10.07
N ALA A 163 -10.59 12.48 -10.34
CA ALA A 163 -10.15 11.48 -11.34
C ALA A 163 -10.73 11.70 -12.74
N GLU A 164 -11.32 12.87 -12.97
CA GLU A 164 -12.01 13.13 -14.23
C GLU A 164 -11.21 12.78 -15.49
N ASN A 165 -9.89 12.95 -15.44
CA ASN A 165 -9.06 12.70 -16.63
C ASN A 165 -8.15 11.50 -16.50
N VAL A 166 -8.38 10.70 -15.48
CA VAL A 166 -7.66 9.44 -15.32
C VAL A 166 -7.87 8.55 -16.56
N PRO A 167 -6.78 7.97 -17.09
CA PRO A 167 -6.91 7.09 -18.26
C PRO A 167 -7.60 5.80 -17.88
N ILE A 168 -8.27 5.19 -18.86
CA ILE A 168 -8.89 3.88 -18.72
C ILE A 168 -8.28 2.97 -19.76
N ILE A 169 -7.67 1.88 -19.34
CA ILE A 169 -6.93 1.01 -20.24
C ILE A 169 -7.52 -0.40 -20.15
N PRO A 170 -8.03 -0.90 -21.28
CA PRO A 170 -8.66 -2.24 -21.32
C PRO A 170 -7.59 -3.31 -21.50
N VAL A 171 -7.67 -4.39 -20.74
CA VAL A 171 -6.73 -5.50 -20.90
C VAL A 171 -7.41 -6.83 -20.58
N SER A 172 -6.71 -7.91 -20.91
CA SER A 172 -7.00 -9.20 -20.32
C SER A 172 -5.77 -9.61 -19.53
N ALA A 173 -5.92 -9.63 -18.22
CA ALA A 173 -4.82 -10.04 -17.37
C ALA A 173 -4.56 -11.53 -17.52
N LEU A 174 -5.63 -12.33 -17.60
CA LEU A 174 -5.52 -13.78 -17.66
C LEU A 174 -4.80 -14.20 -18.95
N HIS A 175 -5.22 -13.63 -20.07
CA HIS A 175 -4.68 -14.07 -21.35
C HIS A 175 -3.60 -13.13 -21.89
N LYS A 176 -3.26 -12.14 -21.08
CA LYS A 176 -2.18 -11.21 -21.39
C LYS A 176 -2.41 -10.46 -22.69
N ILE A 177 -3.48 -9.68 -22.73
CA ILE A 177 -3.84 -8.92 -23.92
C ILE A 177 -3.80 -7.42 -23.61
N ASN A 178 -3.09 -6.68 -24.46
CA ASN A 178 -2.92 -5.23 -24.32
C ASN A 178 -2.11 -4.78 -23.09
N ILE A 179 -1.29 -5.69 -22.55
CA ILE A 179 -0.46 -5.39 -21.39
C ILE A 179 0.58 -4.30 -21.70
N ASP A 180 1.10 -4.30 -22.93
CA ASP A 180 2.04 -3.28 -23.37
C ASP A 180 1.48 -1.87 -23.19
N SER A 181 0.19 -1.70 -23.50
CA SER A 181 -0.44 -0.40 -23.31
C SER A 181 -0.51 -0.01 -21.83
N LEU A 182 -0.71 -0.99 -20.95
CA LEU A 182 -0.72 -0.70 -19.53
C LEU A 182 0.67 -0.23 -19.07
N ILE A 183 1.71 -0.90 -19.51
CA ILE A 183 3.07 -0.49 -19.16
C ILE A 183 3.40 0.92 -19.67
N GLU A 184 3.00 1.21 -20.89
CA GLU A 184 3.15 2.57 -21.42
C GLU A 184 2.40 3.58 -20.55
N GLY A 185 1.20 3.20 -20.13
CA GLY A 185 0.41 4.05 -19.25
C GLY A 185 1.07 4.24 -17.89
N ILE A 186 1.70 3.18 -17.40
CA ILE A 186 2.39 3.26 -16.11
C ILE A 186 3.54 4.28 -16.20
N GLU A 187 4.31 4.23 -17.27
CA GLU A 187 5.38 5.22 -17.49
C GLU A 187 4.84 6.65 -17.63
N GLU A 188 3.69 6.80 -18.26
CA GLU A 188 3.15 8.12 -18.52
C GLU A 188 2.46 8.75 -17.30
N TYR A 189 1.64 7.96 -16.60
CA TYR A 189 0.76 8.49 -15.56
C TYR A 189 1.22 8.25 -14.11
N ILE A 190 2.18 7.35 -13.92
CA ILE A 190 2.67 7.09 -12.57
C ILE A 190 4.18 7.28 -12.48
N LYS A 191 4.59 8.54 -12.59
CA LYS A 191 6.01 8.90 -12.51
C LYS A 191 6.53 8.67 -11.09
N THR A 192 7.80 8.27 -10.99
CA THR A 192 8.47 8.19 -9.70
C THR A 192 8.50 9.56 -9.03
N PRO A 193 7.97 9.66 -7.81
CA PRO A 193 7.90 10.97 -7.15
C PRO A 193 9.30 11.43 -6.74
N TYR A 194 9.48 12.74 -6.61
CA TYR A 194 10.70 13.29 -6.02
C TYR A 194 10.85 12.81 -4.57
N ARG A 195 12.04 12.33 -4.22
CA ARG A 195 12.32 11.96 -2.84
C ARG A 195 13.32 12.93 -2.19
N ASP A 196 12.90 13.64 -1.15
CA ASP A 196 13.81 14.47 -0.37
C ASP A 196 14.56 13.61 0.65
N LEU A 197 15.74 13.11 0.28
CA LEU A 197 16.45 12.15 1.12
C LEU A 197 17.07 12.75 2.41
N SER A 198 16.79 14.03 2.67
CA SER A 198 17.34 14.69 3.85
C SER A 198 16.38 14.56 5.03
N GLN A 199 15.11 14.27 4.72
CA GLN A 199 14.13 14.06 5.78
C GLN A 199 14.51 12.91 6.69
N LYS A 200 14.00 12.94 7.91
CA LYS A 200 14.28 11.86 8.85
C LYS A 200 13.72 10.54 8.31
N PRO A 201 14.53 9.48 8.34
CA PRO A 201 14.09 8.17 7.86
C PRO A 201 12.90 7.64 8.65
N VAL A 202 11.83 7.29 7.95
CA VAL A 202 10.69 6.58 8.54
C VAL A 202 10.27 5.42 7.66
N MET A 203 10.06 4.25 8.27
CA MET A 203 9.59 3.10 7.53
C MET A 203 8.32 2.62 8.20
N LEU A 204 7.32 2.27 7.40
CA LEU A 204 6.06 1.73 7.92
C LEU A 204 6.10 0.22 7.84
N VAL A 205 5.80 -0.45 8.94
CA VAL A 205 5.92 -1.90 8.99
C VAL A 205 4.61 -2.61 8.61
N ILE A 206 4.70 -3.55 7.66
CA ILE A 206 3.57 -4.43 7.36
C ILE A 206 3.83 -5.91 7.59
N ARG A 207 5.09 -6.31 7.71
CA ARG A 207 5.42 -7.72 7.96
C ARG A 207 6.60 -7.84 8.91
N SER A 208 6.69 -8.98 9.59
CA SER A 208 7.89 -9.32 10.34
C SER A 208 7.94 -10.83 10.42
N PHE A 209 9.14 -11.39 10.34
CA PHE A 209 9.28 -12.84 10.33
C PHE A 209 10.53 -13.38 11.00
N ASP A 210 10.45 -14.66 11.33
CA ASP A 210 11.57 -15.48 11.71
C ASP A 210 11.95 -16.27 10.46
N VAL A 211 13.11 -15.98 9.90
CA VAL A 211 13.55 -16.62 8.66
C VAL A 211 14.34 -17.92 8.87
N ASN A 212 14.41 -18.39 10.10
CA ASN A 212 15.14 -19.62 10.41
C ASN A 212 14.37 -20.89 10.05
N LYS A 213 15.01 -21.76 9.27
CA LYS A 213 14.44 -23.04 8.91
C LYS A 213 14.26 -23.92 10.15
N PRO A 214 13.31 -24.86 10.11
CA PRO A 214 13.00 -25.68 11.29
C PRO A 214 14.20 -26.48 11.81
N GLY A 215 14.25 -26.67 13.12
CA GLY A 215 15.33 -27.42 13.75
C GLY A 215 16.70 -26.76 13.65
N THR A 216 16.72 -25.48 13.27
CA THR A 216 17.96 -24.72 13.17
C THR A 216 18.70 -24.66 14.50
N GLN A 217 20.01 -24.88 14.44
CA GLN A 217 20.88 -24.83 15.63
C GLN A 217 20.79 -23.45 16.28
N PHE A 218 20.64 -23.40 17.60
CA PHE A 218 20.51 -22.12 18.29
C PHE A 218 21.64 -21.10 18.08
N ASN A 219 22.87 -21.58 17.89
CA ASN A 219 23.99 -20.69 17.61
C ASN A 219 23.82 -20.20 16.16
N GLU A 220 23.01 -20.90 15.39
CA GLU A 220 22.80 -20.58 13.98
C GLU A 220 21.62 -19.65 13.68
N LEU A 221 20.83 -19.34 14.71
CA LEU A 221 19.60 -18.59 14.56
C LEU A 221 19.84 -17.16 14.08
N LYS A 222 19.35 -16.84 12.89
CA LYS A 222 19.42 -15.47 12.36
C LYS A 222 18.48 -14.58 13.15
N GLY A 223 18.81 -13.29 13.23
CA GLY A 223 17.97 -12.34 13.93
C GLY A 223 16.67 -12.09 13.19
N GLY A 224 15.70 -11.50 13.88
CA GLY A 224 14.42 -11.19 13.29
C GLY A 224 14.53 -10.28 12.09
N VAL A 225 13.58 -10.43 11.16
CA VAL A 225 13.51 -9.58 9.98
C VAL A 225 12.20 -8.79 10.00
N ILE A 226 12.26 -7.52 9.61
CA ILE A 226 11.09 -6.67 9.62
C ILE A 226 10.86 -6.12 8.23
N GLY A 227 9.64 -6.29 7.71
CA GLY A 227 9.34 -5.89 6.35
C GLY A 227 8.38 -4.72 6.27
N GLY A 228 8.65 -3.82 5.35
CA GLY A 228 7.80 -2.67 5.17
C GLY A 228 8.30 -1.79 4.06
N SER A 229 7.83 -0.56 4.04
CA SER A 229 8.24 0.32 2.97
C SER A 229 8.73 1.62 3.57
N ILE A 230 9.80 2.16 3.01
CA ILE A 230 10.38 3.39 3.49
C ILE A 230 9.61 4.57 2.93
N ILE A 231 9.10 5.39 3.84
CA ILE A 231 8.12 6.41 3.49
C ILE A 231 8.79 7.75 3.27
N GLN A 232 9.91 7.98 3.95
CA GLN A 232 10.72 9.16 3.73
C GLN A 232 12.14 8.89 4.20
N GLY A 233 13.11 9.59 3.60
CA GLY A 233 14.52 9.43 3.97
C GLY A 233 15.06 8.07 3.55
N LEU A 234 16.10 7.61 4.25
CA LEU A 234 16.70 6.33 3.91
C LEU A 234 17.48 5.71 5.05
N PHE A 235 17.63 4.40 5.01
CA PHE A 235 18.26 3.66 6.07
C PHE A 235 19.50 2.94 5.53
N LYS A 236 20.46 2.67 6.40
CA LYS A 236 21.69 2.02 5.98
C LYS A 236 22.06 0.89 6.92
N VAL A 237 22.79 -0.09 6.39
CA VAL A 237 23.27 -1.18 7.22
C VAL A 237 24.10 -0.63 8.37
N ASP A 238 23.93 -1.24 9.54
CA ASP A 238 24.59 -0.81 10.79
C ASP A 238 24.03 0.53 11.30
N GLN A 239 22.75 0.80 11.07
CA GLN A 239 22.20 2.03 11.62
C GLN A 239 21.50 1.49 12.85
N GLU A 240 21.56 2.28 13.91
CA GLU A 240 20.90 2.04 15.16
C GLU A 240 19.45 2.52 14.98
N ILE A 241 18.48 1.62 15.17
CA ILE A 241 17.08 1.97 14.91
C ILE A 241 16.18 1.64 16.08
N LYS A 242 14.93 2.10 16.03
CA LYS A 242 13.94 1.63 16.99
C LYS A 242 12.60 1.33 16.33
N VAL A 243 11.85 0.41 16.93
CA VAL A 243 10.51 0.09 16.48
C VAL A 243 9.49 0.71 17.45
N LEU A 244 8.57 1.53 16.90
CA LEU A 244 7.56 2.23 17.69
C LEU A 244 6.14 1.81 17.28
N PRO A 245 5.21 1.74 18.24
CA PRO A 245 5.34 1.96 19.68
C PRO A 245 6.31 0.95 20.33
N GLY A 246 6.45 -0.21 19.71
CA GLY A 246 7.39 -1.21 20.19
C GLY A 246 6.74 -2.48 20.70
N LEU A 247 7.22 -2.95 21.85
CA LEU A 247 6.79 -4.20 22.42
C LEU A 247 5.73 -3.97 23.51
N ARG A 248 4.67 -4.76 23.49
CA ARG A 248 3.66 -4.66 24.53
C ARG A 248 4.03 -5.48 25.76
N VAL A 249 3.86 -4.88 26.93
CA VAL A 249 4.32 -5.46 28.18
C VAL A 249 3.17 -5.63 29.20
N GLU A 250 2.99 -6.79 29.83
CA GLU A 250 1.82 -6.92 30.72
C GLU A 250 1.81 -6.10 32.02
N LYS A 251 2.81 -6.37 32.87
CA LYS A 251 3.22 -5.56 34.03
C LYS A 251 2.27 -5.09 35.14
N GLN A 252 1.39 -5.91 35.71
CA GLN A 252 1.15 -7.29 35.33
C GLN A 252 -0.28 -7.36 34.81
N GLY A 253 -1.09 -6.34 35.10
CA GLY A 253 -2.42 -6.27 34.52
C GLY A 253 -2.55 -4.99 33.73
N LYS A 254 -1.63 -4.06 33.98
CA LYS A 254 -1.62 -2.82 33.25
C LYS A 254 -0.70 -2.91 32.05
N VAL A 255 -1.28 -2.87 30.89
CA VAL A 255 -0.48 -2.96 29.66
C VAL A 255 0.20 -1.66 29.23
N SER A 256 1.46 -1.77 28.79
CA SER A 256 2.18 -0.63 28.23
C SER A 256 3.03 -1.04 27.02
N TYR A 257 3.59 -0.06 26.33
CA TYR A 257 4.45 -0.35 25.19
C TYR A 257 5.85 0.21 25.38
N GLU A 258 6.84 -0.62 25.10
CA GLU A 258 8.23 -0.21 25.21
C GLU A 258 8.91 -0.24 23.84
N PRO A 259 9.56 0.87 23.46
CA PRO A 259 10.29 0.92 22.18
C PRO A 259 11.28 -0.23 22.07
N ILE A 260 11.36 -0.84 20.89
CA ILE A 260 12.35 -1.88 20.63
C ILE A 260 13.56 -1.26 19.90
N PHE A 261 14.71 -1.30 20.55
CA PHE A 261 15.95 -0.78 19.95
C PHE A 261 16.70 -1.93 19.35
N THR A 262 17.25 -1.73 18.15
CA THR A 262 18.10 -2.75 17.55
C THR A 262 19.02 -2.11 16.50
N LYS A 263 19.68 -2.94 15.70
CA LYS A 263 20.65 -2.48 14.73
C LYS A 263 20.38 -3.16 13.40
N ILE A 264 20.47 -2.43 12.29
CA ILE A 264 20.27 -3.04 10.98
C ILE A 264 21.48 -3.89 10.61
N SER A 265 21.29 -5.20 10.53
CA SER A 265 22.37 -6.09 10.17
C SER A 265 22.37 -6.43 8.67
N SER A 266 21.23 -6.24 8.01
CA SER A 266 21.15 -6.47 6.55
C SER A 266 19.93 -5.81 5.92
N ILE A 267 20.05 -5.48 4.63
CA ILE A 267 18.96 -4.89 3.87
C ILE A 267 18.72 -5.69 2.59
N ARG A 268 17.45 -5.95 2.30
CA ARG A 268 17.11 -6.83 1.17
C ARG A 268 15.83 -6.37 0.46
N PHE A 269 15.90 -6.29 -0.87
CA PHE A 269 14.72 -6.10 -1.71
C PHE A 269 14.62 -7.32 -2.61
N GLY A 270 13.46 -7.98 -2.62
CA GLY A 270 13.37 -9.28 -3.27
C GLY A 270 14.38 -10.23 -2.65
N ASP A 271 15.26 -10.77 -3.47
CA ASP A 271 16.32 -11.63 -2.92
C ASP A 271 17.70 -10.99 -3.03
N GLU A 272 17.73 -9.76 -3.54
CA GLU A 272 18.98 -9.00 -3.66
C GLU A 272 19.35 -8.26 -2.36
N GLU A 273 20.65 -8.22 -2.08
CA GLU A 273 21.17 -7.50 -0.91
C GLU A 273 21.65 -6.09 -1.30
N PHE A 274 21.42 -5.13 -0.40
CA PHE A 274 21.86 -3.76 -0.62
C PHE A 274 22.46 -3.16 0.65
N LYS A 275 23.08 -2.00 0.50
CA LYS A 275 23.70 -1.32 1.63
C LYS A 275 22.80 -0.21 2.16
N GLU A 276 21.92 0.28 1.30
CA GLU A 276 20.95 1.31 1.64
C GLU A 276 19.55 0.88 1.23
N ALA A 277 18.55 1.52 1.84
CA ALA A 277 17.15 1.31 1.49
C ALA A 277 16.50 2.70 1.41
N LYS A 278 15.87 2.98 0.27
CA LYS A 278 15.21 4.26 0.04
C LYS A 278 13.72 4.01 -0.22
N PRO A 279 12.91 5.07 -0.29
CA PRO A 279 11.49 4.90 -0.61
C PRO A 279 11.30 4.11 -1.92
N GLY A 280 10.18 3.42 -2.02
CA GLY A 280 9.94 2.55 -3.16
C GLY A 280 10.37 1.13 -2.84
N GLY A 281 9.55 0.17 -3.20
CA GLY A 281 9.82 -1.22 -2.89
C GLY A 281 9.39 -1.63 -1.49
N LEU A 282 9.37 -2.93 -1.26
CA LEU A 282 9.12 -3.51 0.04
C LEU A 282 10.45 -4.02 0.55
N VAL A 283 10.95 -3.42 1.63
CA VAL A 283 12.27 -3.79 2.13
C VAL A 283 12.16 -4.78 3.29
N ALA A 284 13.13 -5.70 3.35
CA ALA A 284 13.28 -6.60 4.48
C ALA A 284 14.52 -6.15 5.25
N ILE A 285 14.28 -5.56 6.43
CA ILE A 285 15.34 -5.11 7.33
C ILE A 285 15.76 -6.25 8.26
N GLY A 286 16.99 -6.72 8.12
CA GLY A 286 17.54 -7.71 9.04
C GLY A 286 17.98 -7.02 10.32
N THR A 287 17.76 -7.66 11.47
CA THR A 287 18.13 -7.07 12.75
C THR A 287 18.81 -8.10 13.67
N TYR A 288 19.20 -7.65 14.85
CA TYR A 288 19.75 -8.55 15.86
C TYR A 288 18.67 -8.97 16.86
N LEU A 289 17.42 -8.67 16.53
CA LEU A 289 16.32 -9.04 17.41
C LEU A 289 16.16 -10.54 17.52
N ASP A 290 15.77 -10.97 18.71
CA ASP A 290 15.29 -12.33 18.92
C ASP A 290 14.13 -12.58 17.93
N PRO A 291 14.22 -13.66 17.13
CA PRO A 291 13.23 -13.99 16.09
C PRO A 291 11.84 -14.18 16.68
N SER A 292 11.77 -14.49 17.97
CA SER A 292 10.49 -14.68 18.63
C SER A 292 9.70 -13.37 18.67
N LEU A 293 10.41 -12.24 18.67
CA LEU A 293 9.75 -10.93 18.65
C LEU A 293 9.13 -10.60 17.30
N THR A 294 9.68 -11.15 16.22
CA THR A 294 9.26 -10.74 14.89
C THR A 294 8.52 -11.85 14.14
N LYS A 295 8.25 -12.93 14.85
CA LYS A 295 7.51 -14.08 14.35
C LYS A 295 6.11 -13.69 13.90
N ALA A 296 5.73 -14.14 12.72
CA ALA A 296 4.33 -14.07 12.26
C ALA A 296 3.75 -12.66 12.24
N ASP A 297 4.44 -11.73 11.60
CA ASP A 297 3.92 -10.38 11.40
C ASP A 297 3.55 -9.68 12.71
N ASN A 298 4.14 -10.14 13.81
CA ASN A 298 3.92 -9.55 15.12
C ASN A 298 3.99 -8.00 15.18
N LEU A 299 4.85 -7.41 14.36
CA LEU A 299 5.09 -5.97 14.42
C LEU A 299 4.31 -5.14 13.40
N LEU A 300 3.35 -5.77 12.73
CA LEU A 300 2.53 -5.05 11.75
C LEU A 300 1.97 -3.78 12.35
N GLY A 301 2.10 -2.67 11.63
CA GLY A 301 1.54 -1.40 12.09
C GLY A 301 2.54 -0.49 12.81
N SER A 302 3.64 -1.08 13.26
CA SER A 302 4.76 -0.32 13.82
C SER A 302 5.39 0.59 12.80
N ILE A 303 6.16 1.58 13.27
CA ILE A 303 7.11 2.28 12.41
C ILE A 303 8.54 2.02 12.86
N ILE A 304 9.48 2.28 11.97
CA ILE A 304 10.89 2.22 12.31
C ILE A 304 11.51 3.56 12.02
N THR A 305 12.30 4.06 12.97
CA THR A 305 13.02 5.32 12.78
C THR A 305 14.44 5.11 13.30
N LEU A 306 15.30 6.12 13.12
CA LEU A 306 16.61 6.05 13.75
C LEU A 306 16.41 6.08 15.26
N ALA A 307 17.35 5.47 15.99
CA ALA A 307 17.26 5.37 17.43
C ALA A 307 17.03 6.70 18.16
N ASP A 308 17.61 7.78 17.64
CA ASP A 308 17.53 9.06 18.35
C ASP A 308 16.40 9.99 17.88
N ALA A 309 15.57 9.52 16.95
CA ALA A 309 14.48 10.35 16.45
C ALA A 309 13.48 10.62 17.56
N GLU A 310 12.84 11.78 17.50
CA GLU A 310 11.81 12.11 18.48
C GLU A 310 10.46 11.83 17.88
N VAL A 311 9.73 10.88 18.46
CA VAL A 311 8.46 10.49 17.90
C VAL A 311 7.41 10.33 18.98
N PRO A 312 6.35 11.12 18.89
CA PRO A 312 5.23 10.97 19.81
C PRO A 312 4.61 9.60 19.63
N VAL A 313 4.41 8.91 20.74
CA VAL A 313 3.67 7.66 20.75
C VAL A 313 2.44 7.90 21.63
N LEU A 314 1.28 7.98 21.00
CA LEU A 314 0.09 8.52 21.63
C LEU A 314 -0.99 7.49 21.96
N TRP A 315 -1.56 7.62 23.16
CA TRP A 315 -2.70 6.82 23.58
C TRP A 315 -3.99 7.64 23.50
N ASN A 316 -3.86 8.91 23.12
CA ASN A 316 -5.01 9.80 22.90
C ASN A 316 -4.65 10.71 21.73
N ILE A 317 -5.58 10.92 20.81
CA ILE A 317 -5.29 11.82 19.70
C ILE A 317 -6.42 12.78 19.40
N ARG A 318 -6.05 13.91 18.82
CA ARG A 318 -6.98 14.91 18.35
C ARG A 318 -6.95 14.86 16.82
N ILE A 319 -8.11 14.71 16.21
CA ILE A 319 -8.20 14.62 14.75
C ILE A 319 -9.08 15.73 14.15
N LYS A 320 -8.53 16.47 13.19
CA LYS A 320 -9.36 17.41 12.45
C LYS A 320 -10.01 16.64 11.30
N TYR A 321 -11.32 16.40 11.39
CA TYR A 321 -11.93 15.36 10.59
C TYR A 321 -12.97 15.86 9.59
N ASN A 322 -13.26 15.01 8.60
CA ASN A 322 -14.38 15.24 7.68
C ASN A 322 -15.09 13.92 7.36
N LEU A 323 -16.42 13.94 7.43
CA LEU A 323 -17.19 12.75 7.16
C LEU A 323 -17.63 12.69 5.69
N LEU A 324 -17.67 11.49 5.14
CA LEU A 324 -18.29 11.24 3.86
C LEU A 324 -19.80 11.41 4.04
N GLU A 325 -20.50 11.72 2.94
CA GLU A 325 -21.93 11.89 3.01
C GLU A 325 -22.61 10.56 3.27
N ARG A 326 -22.16 9.52 2.56
CA ARG A 326 -22.76 8.21 2.71
C ARG A 326 -21.70 7.11 2.73
N VAL A 327 -22.07 5.97 3.30
CA VAL A 327 -21.11 4.86 3.45
C VAL A 327 -20.89 4.09 2.14
N VAL A 328 -19.79 4.44 1.50
CA VAL A 328 -19.55 4.14 0.10
C VAL A 328 -19.42 2.64 -0.21
N GLY A 329 -18.84 1.88 0.72
CA GLY A 329 -18.58 0.47 0.48
C GLY A 329 -19.75 -0.46 0.79
N ALA A 330 -20.88 0.10 1.22
CA ALA A 330 -22.06 -0.72 1.54
C ALA A 330 -22.83 -1.13 0.30
N LYS A 331 -23.44 -2.31 0.32
CA LYS A 331 -24.26 -2.76 -0.81
C LYS A 331 -25.51 -1.88 -0.93
N GLU A 332 -26.23 -1.75 0.19
CA GLU A 332 -27.39 -0.86 0.31
C GLU A 332 -26.93 0.56 0.66
N MET A 333 -27.43 1.58 -0.04
CA MET A 333 -26.97 2.93 0.23
C MET A 333 -27.35 3.38 1.64
N LEU A 334 -26.38 3.95 2.34
CA LEU A 334 -26.49 4.28 3.76
C LEU A 334 -25.87 5.65 4.00
N LYS A 335 -26.57 6.50 4.74
CA LYS A 335 -26.01 7.80 5.10
C LYS A 335 -25.13 7.65 6.35
N VAL A 336 -24.02 8.36 6.42
CA VAL A 336 -23.20 8.28 7.63
C VAL A 336 -23.69 9.21 8.75
N ASP A 337 -23.91 8.63 9.93
CA ASP A 337 -24.31 9.39 11.10
C ASP A 337 -23.14 10.18 11.64
N PRO A 338 -23.44 11.33 12.27
CA PRO A 338 -22.40 12.15 12.90
C PRO A 338 -21.65 11.33 13.96
N ILE A 339 -20.40 11.68 14.22
CA ILE A 339 -19.66 11.03 15.29
C ILE A 339 -20.38 11.35 16.57
N ARG A 340 -20.60 10.34 17.41
CA ARG A 340 -21.18 10.59 18.72
C ARG A 340 -20.19 10.16 19.79
N ALA A 341 -20.23 10.86 20.93
CA ALA A 341 -19.35 10.57 22.05
C ALA A 341 -19.55 9.15 22.56
N LYS A 342 -18.47 8.56 23.09
CA LYS A 342 -18.50 7.20 23.63
C LYS A 342 -18.87 6.21 22.52
N GLU A 343 -18.42 6.33 21.33
CA GLU A 343 -18.76 5.36 20.30
C GLU A 343 -17.34 4.92 19.97
N THR A 344 -17.16 3.65 19.62
CA THR A 344 -15.81 3.26 19.23
C THR A 344 -15.62 3.38 17.71
N LEU A 345 -14.48 3.95 17.33
CA LEU A 345 -14.14 4.08 15.91
C LEU A 345 -12.87 3.30 15.63
N MET A 346 -12.66 3.00 14.36
CA MET A 346 -11.43 2.37 13.91
C MET A 346 -10.58 3.39 13.16
N LEU A 347 -9.33 3.58 13.59
CA LEU A 347 -8.47 4.56 12.94
C LEU A 347 -7.33 3.88 12.19
N SER A 348 -7.16 4.23 10.91
CA SER A 348 -5.99 3.81 10.15
C SER A 348 -5.03 4.97 10.11
N VAL A 349 -3.81 4.72 10.57
CA VAL A 349 -2.73 5.72 10.57
C VAL A 349 -1.45 5.04 10.09
N GLY A 350 -0.83 5.56 9.05
CA GLY A 350 0.24 4.83 8.41
C GLY A 350 -0.24 3.41 8.10
N SER A 351 0.52 2.42 8.55
CA SER A 351 0.18 1.03 8.27
C SER A 351 -0.57 0.41 9.43
N SER A 352 -0.84 1.20 10.47
CA SER A 352 -1.51 0.69 11.65
C SER A 352 -3.03 0.86 11.59
N THR A 353 -3.72 0.00 12.31
CA THR A 353 -5.15 0.19 12.49
C THR A 353 -5.49 -0.15 13.93
N THR A 354 -6.26 0.74 14.56
CA THR A 354 -6.49 0.63 15.97
C THR A 354 -7.84 1.21 16.38
N LEU A 355 -8.44 0.60 17.38
CA LEU A 355 -9.75 1.00 17.88
C LEU A 355 -9.59 2.06 18.96
N GLY A 356 -10.54 2.98 19.03
CA GLY A 356 -10.55 4.01 20.05
C GLY A 356 -11.96 4.45 20.46
N ILE A 357 -12.06 5.05 21.63
CA ILE A 357 -13.32 5.58 22.14
C ILE A 357 -13.35 7.09 21.94
N VAL A 358 -14.41 7.61 21.34
CA VAL A 358 -14.54 9.05 21.15
C VAL A 358 -14.80 9.73 22.50
N THR A 359 -13.96 10.68 22.87
CA THR A 359 -14.07 11.34 24.18
C THR A 359 -14.54 12.78 24.02
N SER A 360 -14.48 13.30 22.80
CA SER A 360 -14.98 14.64 22.53
C SER A 360 -15.35 14.75 21.06
N VAL A 361 -16.50 15.32 20.78
CA VAL A 361 -16.86 15.63 19.39
C VAL A 361 -17.24 17.10 19.24
N LYS A 362 -16.62 17.74 18.25
CA LYS A 362 -16.96 19.09 17.85
C LYS A 362 -17.26 19.03 16.34
N LYS A 363 -17.66 20.16 15.76
CA LYS A 363 -17.94 20.20 14.34
C LYS A 363 -16.76 19.73 13.48
N ASP A 364 -15.56 20.24 13.77
CA ASP A 364 -14.37 19.95 12.96
C ASP A 364 -13.34 19.02 13.62
N GLU A 365 -13.54 18.69 14.90
CA GLU A 365 -12.51 17.94 15.64
C GLU A 365 -13.09 16.91 16.59
N ILE A 366 -12.42 15.77 16.66
CA ILE A 366 -12.76 14.78 17.68
C ILE A 366 -11.49 14.46 18.47
N GLU A 367 -11.69 13.93 19.66
CA GLU A 367 -10.59 13.43 20.46
C GLU A 367 -10.89 11.98 20.75
N VAL A 368 -9.89 11.12 20.66
CA VAL A 368 -10.16 9.72 20.95
C VAL A 368 -9.13 9.06 21.85
N GLU A 369 -9.65 8.18 22.70
CA GLU A 369 -8.85 7.39 23.61
C GLU A 369 -8.54 6.05 22.95
N LEU A 370 -7.27 5.81 22.64
CA LEU A 370 -6.88 4.63 21.87
C LEU A 370 -6.66 3.40 22.74
N ARG A 371 -7.08 2.25 22.20
CA ARG A 371 -6.93 0.97 22.89
C ARG A 371 -5.46 0.54 22.93
N ARG A 372 -4.69 1.04 21.98
CA ARG A 372 -3.26 0.76 21.88
C ARG A 372 -2.66 2.03 21.26
N PRO A 373 -1.41 2.36 21.61
CA PRO A 373 -0.86 3.64 21.14
C PRO A 373 -0.46 3.61 19.67
N VAL A 374 -0.40 4.77 19.02
CA VAL A 374 0.11 4.88 17.65
C VAL A 374 1.29 5.85 17.58
N ALA A 375 2.25 5.56 16.71
CA ALA A 375 3.39 6.43 16.52
C ALA A 375 3.04 7.48 15.46
N VAL A 376 3.21 8.75 15.81
CA VAL A 376 2.87 9.85 14.91
C VAL A 376 4.13 10.64 14.54
N TRP A 377 4.70 10.34 13.36
CA TRP A 377 6.06 10.77 13.02
C TRP A 377 6.12 12.14 12.36
N SER A 378 4.98 12.80 12.20
CA SER A 378 4.92 14.05 11.44
C SER A 378 3.67 14.80 11.81
N ASN A 379 3.59 16.06 11.39
CA ASN A 379 2.49 16.94 11.78
C ASN A 379 1.20 16.79 10.96
N ASN A 380 1.32 16.43 9.69
CA ASN A 380 0.12 16.40 8.85
C ASN A 380 0.10 14.91 8.54
N ILE A 381 -0.66 14.12 9.16
CA ILE A 381 -0.64 12.68 8.95
C ILE A 381 -2.13 12.44 8.75
N ARG A 382 -2.48 11.88 7.60
CA ARG A 382 -3.86 11.53 7.28
C ARG A 382 -4.30 10.29 8.04
N THR A 383 -5.47 10.34 8.65
CA THR A 383 -6.05 9.12 9.19
C THR A 383 -7.37 8.83 8.48
N VAL A 384 -7.69 7.55 8.29
CA VAL A 384 -8.99 7.17 7.74
C VAL A 384 -9.82 6.56 8.84
N ILE A 385 -11.09 6.97 8.90
CA ILE A 385 -11.97 6.67 10.00
C ILE A 385 -13.04 5.68 9.55
N SER A 386 -13.20 4.61 10.33
CA SER A 386 -14.16 3.58 9.99
C SER A 386 -15.06 3.34 11.18
N ARG A 387 -16.30 2.93 10.90
CA ARG A 387 -17.28 2.64 11.93
C ARG A 387 -17.84 1.23 11.72
N GLN A 388 -18.10 0.50 12.78
CA GLN A 388 -18.72 -0.82 12.61
C GLN A 388 -20.21 -0.68 12.31
N ILE A 389 -20.52 -1.00 11.07
CA ILE A 389 -21.85 -0.92 10.56
C ILE A 389 -22.15 -2.25 9.94
N ALA A 390 -23.23 -2.85 10.37
CA ALA A 390 -23.61 -4.10 9.80
C ALA A 390 -22.64 -5.20 10.12
N GLY A 391 -22.12 -5.24 11.27
CA GLY A 391 -21.13 -6.23 11.63
C GLY A 391 -19.84 -6.16 10.83
N ARG A 392 -19.51 -5.03 10.32
CA ARG A 392 -18.38 -4.88 9.42
C ARG A 392 -17.89 -3.43 9.41
N TRP A 393 -16.57 -3.29 9.49
CA TRP A 393 -15.94 -1.99 9.55
C TRP A 393 -15.99 -1.33 8.18
N ARG A 394 -16.64 -0.18 8.15
CA ARG A 394 -16.87 0.54 6.91
C ARG A 394 -16.24 1.94 7.00
N MET A 395 -15.49 2.31 5.98
CA MET A 395 -14.90 3.65 5.92
C MET A 395 -16.00 4.72 5.93
N ILE A 396 -15.89 5.71 6.82
CA ILE A 396 -16.89 6.79 6.88
C ILE A 396 -16.34 8.21 6.80
N GLY A 397 -15.02 8.35 6.87
CA GLY A 397 -14.40 9.66 6.81
C GLY A 397 -12.90 9.63 7.01
N TRP A 398 -12.33 10.81 7.20
CA TRP A 398 -10.89 10.95 7.30
C TRP A 398 -10.53 12.19 8.09
N GLY A 399 -9.27 12.34 8.47
CA GLY A 399 -8.85 13.53 9.18
C GLY A 399 -7.35 13.78 9.17
N LEU A 400 -6.94 14.83 9.86
CA LEU A 400 -5.53 15.08 10.10
C LEU A 400 -5.28 14.87 11.58
N VAL A 401 -4.23 14.11 11.91
CA VAL A 401 -3.87 13.92 13.30
C VAL A 401 -3.15 15.17 13.77
N GLU A 402 -3.73 15.87 14.74
CA GLU A 402 -3.19 17.14 15.23
C GLU A 402 -2.26 16.90 16.41
N ILE A 403 -1.04 17.41 16.34
CA ILE A 403 -0.15 17.24 17.49
C ILE A 403 0.14 18.53 18.28
#